data_8V6Z
#
_entry.id   8V6Z
#
_cell.length_a   77.940
_cell.length_b   77.940
_cell.length_c   85.565
_cell.angle_alpha   90.00
_cell.angle_beta   90.00
_cell.angle_gamma   90.00
#
_symmetry.space_group_name_H-M   'P 42 21 2'
#
loop_
_entity.id
_entity.type
_entity.pdbx_description
1 polymer 'Inositol polyphosphate multikinase'
2 non-polymer (5P)-3-(3,5-dimethylphenyl)-5-(1H-tetrazol-5-yl)-2,1-benzoxazole
3 water water
#
_entity_poly.entity_id   1
_entity_poly.type   'polypeptide(L)'
_entity_poly.pdbx_seq_one_letter_code
;GSFTSHQVAGHMYGKDKVGILQHPDGTVLKQLQPPPRGPRELEFYNMVYAADCFDGVLLELRKYLPKYYGIWSPPTAPND
LYLKLEDVTHKFNKPCIMDVKIGQKSYDPFASSEKIQQQVSKYPLMEEIGFLVLGMRVYHVHSDSYETENQHYGRSLTKE
TIKDGVSRFFHNGYCLRKDAVAASIQKIEKILQWFENQKQLNFYASSLLFVYEGSSQGGSGGEVEVRMIDFAHVFPSNTI
DEGYVYGLKHLISVLRSILDN
;
_entity_poly.pdbx_strand_id   A
#
loop_
_chem_comp.id
_chem_comp.type
_chem_comp.name
_chem_comp.formula
YHS non-polymer (5P)-3-(3,5-dimethylphenyl)-5-(1H-tetrazol-5-yl)-2,1-benzoxazole 'C16 H13 N5 O'
#
# COMPACT_ATOMS: atom_id res chain seq x y z
N ILE A 20 10.91 -6.52 -5.56
CA ILE A 20 10.54 -7.42 -4.42
C ILE A 20 10.95 -8.85 -4.77
N LEU A 21 11.80 -9.44 -3.91
CA LEU A 21 12.22 -10.83 -4.04
C LEU A 21 11.71 -11.59 -2.83
N GLN A 22 10.92 -12.65 -3.08
CA GLN A 22 10.38 -13.47 -2.00
C GLN A 22 11.43 -14.47 -1.54
N HIS A 23 11.57 -14.60 -0.22
CA HIS A 23 12.41 -15.63 0.37
C HIS A 23 11.55 -16.64 1.12
N PRO A 24 11.93 -17.94 1.11
CA PRO A 24 11.19 -18.98 1.83
C PRO A 24 11.08 -18.79 3.34
N ASP A 25 11.94 -17.94 3.93
CA ASP A 25 11.94 -17.73 5.37
C ASP A 25 10.85 -16.74 5.77
N GLY A 26 9.96 -16.37 4.84
CA GLY A 26 8.83 -15.52 5.15
C GLY A 26 9.17 -14.02 5.04
N THR A 27 10.27 -13.69 4.37
CA THR A 27 10.67 -12.30 4.19
C THR A 27 10.72 -11.98 2.71
N VAL A 28 10.78 -10.67 2.43
CA VAL A 28 11.07 -10.18 1.10
C VAL A 28 12.30 -9.27 1.21
N LEU A 29 13.09 -9.23 0.14
CA LEU A 29 14.16 -8.25 0.00
C LEU A 29 13.70 -7.19 -1.00
N LYS A 30 13.64 -5.94 -0.54
CA LYS A 30 13.39 -4.83 -1.45
C LYS A 30 14.69 -4.10 -1.72
N GLN A 31 15.11 -4.07 -2.98
CA GLN A 31 16.31 -3.36 -3.38
C GLN A 31 16.05 -1.86 -3.23
N LEU A 32 17.01 -1.15 -2.63
CA LEU A 32 16.91 0.30 -2.51
C LEU A 32 16.81 0.91 -3.90
N GLN A 33 15.79 1.75 -4.09
CA GLN A 33 15.62 2.52 -5.31
C GLN A 33 16.79 3.50 -5.42
N PRO A 34 17.09 4.03 -6.63
CA PRO A 34 18.17 4.99 -6.80
C PRO A 34 18.02 6.19 -5.87
N PRO A 35 19.12 6.90 -5.54
CA PRO A 35 19.05 8.04 -4.63
C PRO A 35 18.22 9.14 -5.27
N PRO A 36 17.46 9.94 -4.49
CA PRO A 36 17.44 9.86 -3.04
C PRO A 36 16.40 8.92 -2.43
N ARG A 37 15.67 8.20 -3.29
CA ARG A 37 14.48 7.47 -2.87
C ARG A 37 14.86 6.33 -1.93
N GLY A 38 15.79 5.47 -2.36
CA GLY A 38 16.20 4.31 -1.58
C GLY A 38 16.75 4.72 -0.20
N PRO A 39 17.74 5.63 -0.13
CA PRO A 39 18.23 6.13 1.15
C PRO A 39 17.14 6.69 2.06
N ARG A 40 16.12 7.33 1.46
CA ARG A 40 15.02 7.90 2.23
C ARG A 40 14.18 6.80 2.88
N GLU A 41 13.91 5.72 2.14
CA GLU A 41 13.11 4.64 2.67
C GLU A 41 13.88 3.87 3.74
N LEU A 42 15.19 3.71 3.56
CA LEU A 42 16.03 3.14 4.59
C LEU A 42 15.91 3.96 5.87
N GLU A 43 16.03 5.29 5.75
CA GLU A 43 15.97 6.19 6.90
C GLU A 43 14.62 6.09 7.58
N PHE A 44 13.54 5.93 6.79
CA PHE A 44 12.20 5.81 7.35
C PHE A 44 12.13 4.60 8.27
N TYR A 45 12.50 3.42 7.75
CA TYR A 45 12.43 2.18 8.50
C TYR A 45 13.33 2.25 9.73
N ASN A 46 14.53 2.84 9.57
CA ASN A 46 15.48 2.96 10.66
C ASN A 46 14.93 3.84 11.79
N MET A 47 14.19 4.89 11.42
CA MET A 47 13.58 5.78 12.41
C MET A 47 12.47 5.05 13.15
N VAL A 48 11.57 4.38 12.41
CA VAL A 48 10.40 3.77 13.01
C VAL A 48 10.81 2.62 13.92
N TYR A 49 11.77 1.80 13.45
CA TYR A 49 12.17 0.60 14.17
C TYR A 49 13.43 0.84 14.99
N ALA A 50 13.71 2.10 15.35
CA ALA A 50 14.85 2.43 16.18
C ALA A 50 14.71 1.71 17.53
N ALA A 51 15.77 1.02 17.93
CA ALA A 51 15.74 0.18 19.12
C ALA A 51 15.46 1.01 20.37
N ASP A 52 15.80 2.30 20.34
CA ASP A 52 15.63 3.17 21.49
C ASP A 52 14.42 4.11 21.31
N CYS A 53 13.56 3.82 20.32
CA CYS A 53 12.38 4.64 20.08
C CYS A 53 11.40 4.49 21.24
N PHE A 54 11.03 5.62 21.87
CA PHE A 54 9.97 5.64 22.87
C PHE A 54 8.82 6.55 22.43
N ASP A 55 8.79 6.92 21.14
CA ASP A 55 7.72 7.72 20.60
C ASP A 55 6.52 6.82 20.35
N GLY A 56 5.42 7.08 21.07
CA GLY A 56 4.21 6.27 21.00
C GLY A 56 3.58 6.25 19.61
N VAL A 57 3.74 7.36 18.86
CA VAL A 57 3.19 7.45 17.52
C VAL A 57 3.90 6.44 16.61
N LEU A 58 5.23 6.39 16.69
CA LEU A 58 6.01 5.49 15.85
C LEU A 58 5.85 4.05 16.31
N LEU A 59 5.72 3.82 17.62
CA LEU A 59 5.52 2.48 18.14
C LEU A 59 4.20 1.91 17.65
N GLU A 60 3.14 2.74 17.64
CA GLU A 60 1.84 2.32 17.13
C GLU A 60 1.91 2.04 15.63
N LEU A 61 2.68 2.86 14.90
CA LEU A 61 2.78 2.75 13.45
C LEU A 61 3.33 1.38 13.05
N ARG A 62 4.19 0.78 13.89
CA ARG A 62 4.84 -0.49 13.59
C ARG A 62 3.80 -1.57 13.29
N LYS A 63 2.62 -1.49 13.91
CA LYS A 63 1.59 -2.51 13.74
C LYS A 63 1.09 -2.57 12.29
N TYR A 64 1.26 -1.48 11.52
CA TYR A 64 0.66 -1.36 10.21
C TYR A 64 1.71 -1.49 9.09
N LEU A 65 2.99 -1.65 9.46
CA LEU A 65 4.08 -1.79 8.51
C LEU A 65 4.48 -3.26 8.41
N PRO A 66 5.23 -3.66 7.36
CA PRO A 66 5.93 -4.93 7.39
C PRO A 66 6.95 -4.88 8.51
N LYS A 67 7.13 -5.99 9.22
CA LYS A 67 8.22 -6.08 10.18
C LYS A 67 9.54 -5.84 9.44
N TYR A 68 10.45 -5.14 10.11
CA TYR A 68 11.71 -4.69 9.52
C TYR A 68 12.86 -5.46 10.16
N TYR A 69 13.68 -6.10 9.32
CA TYR A 69 14.79 -6.91 9.80
C TYR A 69 16.13 -6.23 9.51
N GLY A 70 16.09 -4.94 9.16
CA GLY A 70 17.31 -4.16 8.96
C GLY A 70 17.76 -4.18 7.50
N ILE A 71 18.79 -3.37 7.23
CA ILE A 71 19.42 -3.35 5.92
C ILE A 71 20.07 -4.70 5.67
N TRP A 72 20.14 -5.08 4.40
CA TRP A 72 20.79 -6.32 4.00
C TRP A 72 21.50 -6.12 2.68
N SER A 73 22.67 -6.77 2.55
CA SER A 73 23.43 -6.76 1.32
C SER A 73 24.07 -8.14 1.14
N PRO A 74 24.29 -8.60 -0.11
CA PRO A 74 24.90 -9.91 -0.33
C PRO A 74 26.27 -9.97 0.35
N PRO A 75 26.66 -11.14 0.89
CA PRO A 75 27.97 -11.32 1.52
C PRO A 75 29.17 -10.81 0.71
N THR A 76 29.05 -10.82 -0.63
CA THR A 76 30.16 -10.48 -1.50
C THR A 76 29.97 -9.12 -2.16
N ALA A 77 28.85 -8.44 -1.90
CA ALA A 77 28.51 -7.20 -2.58
C ALA A 77 27.95 -6.18 -1.60
N PRO A 78 28.81 -5.51 -0.79
CA PRO A 78 28.36 -4.48 0.13
C PRO A 78 27.67 -3.29 -0.56
N ASN A 79 27.91 -3.15 -1.86
CA ASN A 79 27.36 -2.06 -2.65
C ASN A 79 25.85 -2.22 -2.86
N ASP A 80 25.36 -3.47 -2.84
CA ASP A 80 24.01 -3.79 -3.29
C ASP A 80 23.07 -3.80 -2.09
N LEU A 81 22.33 -2.70 -1.90
CA LEU A 81 21.59 -2.45 -0.67
C LEU A 81 20.14 -2.89 -0.80
N TYR A 82 19.67 -3.62 0.22
CA TYR A 82 18.28 -4.05 0.30
C TYR A 82 17.71 -3.77 1.69
N LEU A 83 16.39 -3.68 1.76
CA LEU A 83 15.67 -3.77 3.01
C LEU A 83 15.15 -5.19 3.15
N LYS A 84 15.33 -5.77 4.35
CA LYS A 84 14.77 -7.07 4.66
C LYS A 84 13.46 -6.87 5.41
N LEU A 85 12.36 -7.25 4.75
CA LEU A 85 11.02 -6.95 5.23
C LEU A 85 10.21 -8.24 5.36
N GLU A 86 9.26 -8.22 6.30
CA GLU A 86 8.24 -9.25 6.38
C GLU A 86 7.53 -9.41 5.04
N ASP A 87 7.34 -10.66 4.62
CA ASP A 87 6.47 -10.97 3.51
C ASP A 87 5.04 -11.06 4.04
N VAL A 88 4.25 -10.04 3.74
CA VAL A 88 2.90 -9.90 4.29
C VAL A 88 1.99 -10.99 3.70
N THR A 89 2.38 -11.59 2.58
CA THR A 89 1.56 -12.59 1.92
C THR A 89 1.91 -14.01 2.36
N HIS A 90 2.91 -14.16 3.24
CA HIS A 90 3.52 -15.46 3.51
C HIS A 90 2.52 -16.46 4.08
N LYS A 91 1.63 -16.01 4.97
CA LYS A 91 0.79 -16.92 5.72
C LYS A 91 -0.42 -17.40 4.90
N PHE A 92 -0.56 -16.93 3.66
CA PHE A 92 -1.70 -17.30 2.82
C PHE A 92 -1.36 -18.47 1.90
N ASN A 93 -2.37 -19.27 1.58
CA ASN A 93 -2.22 -20.40 0.67
C ASN A 93 -2.22 -19.90 -0.77
N LYS A 94 -3.35 -19.31 -1.19
CA LYS A 94 -3.48 -18.70 -2.50
C LYS A 94 -3.77 -17.21 -2.31
N PRO A 95 -2.75 -16.38 -1.99
CA PRO A 95 -2.99 -14.97 -1.68
C PRO A 95 -3.52 -14.20 -2.88
N CYS A 96 -4.59 -13.44 -2.66
CA CYS A 96 -5.05 -12.43 -3.59
C CYS A 96 -4.50 -11.08 -3.13
N ILE A 97 -3.76 -10.41 -4.01
CA ILE A 97 -2.95 -9.27 -3.64
C ILE A 97 -3.39 -8.06 -4.46
N MET A 98 -3.56 -6.91 -3.80
CA MET A 98 -3.79 -5.66 -4.50
C MET A 98 -2.97 -4.56 -3.83
N ASP A 99 -2.27 -3.79 -4.66
CA ASP A 99 -1.46 -2.66 -4.23
C ASP A 99 -2.18 -1.38 -4.64
N VAL A 100 -2.46 -0.51 -3.65
CA VAL A 100 -3.16 0.74 -3.87
C VAL A 100 -2.32 1.89 -3.35
N LYS A 101 -1.92 2.79 -4.25
CA LYS A 101 -1.25 4.02 -3.86
C LYS A 101 -2.25 4.98 -3.23
N ILE A 102 -1.88 5.57 -2.10
CA ILE A 102 -2.78 6.42 -1.33
C ILE A 102 -2.32 7.87 -1.43
N GLY A 103 -3.30 8.78 -1.54
CA GLY A 103 -3.05 10.21 -1.44
C GLY A 103 -3.62 10.98 -2.62
N GLN A 104 -3.59 12.32 -2.49
CA GLN A 104 -4.04 13.21 -3.55
C GLN A 104 -2.88 13.67 -4.42
N LYS A 105 -1.65 13.58 -3.89
CA LYS A 105 -0.45 13.96 -4.62
C LYS A 105 0.54 12.81 -4.53
N SER A 106 1.04 12.37 -5.70
N SER A 106 1.05 12.37 -5.69
CA SER A 106 2.07 11.35 -5.77
CA SER A 106 2.07 11.35 -5.76
C SER A 106 3.46 11.98 -5.96
C SER A 106 3.48 11.96 -5.79
N TYR A 107 3.53 13.30 -5.79
CA TYR A 107 4.79 14.04 -5.74
C TYR A 107 4.95 14.61 -4.34
N ASP A 108 6.19 14.94 -3.96
CA ASP A 108 6.50 15.35 -2.60
C ASP A 108 6.73 16.86 -2.54
N PRO A 109 6.83 17.46 -1.33
CA PRO A 109 6.94 18.92 -1.20
C PRO A 109 8.16 19.54 -1.87
N PHE A 110 9.11 18.73 -2.33
CA PHE A 110 10.37 19.25 -2.87
C PHE A 110 10.55 18.85 -4.32
N ALA A 111 9.45 18.50 -5.00
CA ALA A 111 9.51 18.14 -6.41
C ALA A 111 9.64 19.41 -7.27
N SER A 112 10.39 19.28 -8.37
CA SER A 112 10.47 20.34 -9.37
C SER A 112 9.16 20.42 -10.14
N SER A 113 8.99 21.53 -10.87
CA SER A 113 7.85 21.71 -11.76
C SER A 113 7.76 20.54 -12.74
N GLU A 114 8.90 20.15 -13.31
CA GLU A 114 8.98 19.00 -14.21
C GLU A 114 8.38 17.78 -13.53
N LYS A 115 8.87 17.46 -12.32
CA LYS A 115 8.53 16.24 -11.64
C LYS A 115 7.04 16.23 -11.25
N ILE A 116 6.53 17.37 -10.79
CA ILE A 116 5.12 17.47 -10.45
C ILE A 116 4.28 17.12 -11.68
N GLN A 117 4.63 17.73 -12.82
CA GLN A 117 3.90 17.53 -14.06
C GLN A 117 4.00 16.07 -14.50
N GLN A 118 5.16 15.44 -14.31
CA GLN A 118 5.34 14.03 -14.60
C GLN A 118 4.39 13.19 -13.75
N GLN A 119 4.38 13.43 -12.45
CA GLN A 119 3.60 12.61 -11.53
C GLN A 119 2.11 12.79 -11.76
N VAL A 120 1.66 14.04 -11.98
CA VAL A 120 0.24 14.28 -12.17
C VAL A 120 -0.21 13.66 -13.50
N SER A 121 0.64 13.76 -14.54
CA SER A 121 0.28 13.22 -15.84
C SER A 121 0.16 11.69 -15.80
N LYS A 122 0.91 11.04 -14.90
CA LYS A 122 0.83 9.60 -14.73
C LYS A 122 -0.58 9.18 -14.34
N TYR A 123 -1.25 10.02 -13.51
CA TYR A 123 -2.64 9.79 -13.16
C TYR A 123 -3.27 11.09 -12.69
N PRO A 124 -3.88 11.88 -13.59
CA PRO A 124 -4.37 13.21 -13.24
C PRO A 124 -5.63 13.21 -12.38
N LEU A 125 -6.15 12.03 -12.05
CA LEU A 125 -7.33 11.91 -11.21
C LEU A 125 -6.95 11.64 -9.75
N MET A 126 -5.68 11.81 -9.40
CA MET A 126 -5.21 11.47 -8.06
C MET A 126 -5.80 12.42 -7.03
N GLU A 127 -5.86 13.72 -7.35
CA GLU A 127 -6.40 14.73 -6.45
C GLU A 127 -7.87 14.42 -6.13
N GLU A 128 -8.60 14.01 -7.18
CA GLU A 128 -10.03 13.83 -7.07
C GLU A 128 -10.37 12.50 -6.40
N ILE A 129 -9.63 11.43 -6.70
CA ILE A 129 -10.01 10.13 -6.17
C ILE A 129 -9.29 9.84 -4.87
N GLY A 130 -8.01 10.25 -4.75
CA GLY A 130 -7.28 10.07 -3.50
C GLY A 130 -6.58 8.71 -3.39
N PHE A 131 -6.72 7.86 -4.42
CA PHE A 131 -5.99 6.61 -4.48
C PHE A 131 -5.91 6.13 -5.92
N LEU A 132 -4.97 5.21 -6.17
CA LEU A 132 -4.75 4.62 -7.49
C LEU A 132 -4.39 3.16 -7.31
N VAL A 133 -5.12 2.27 -7.99
CA VAL A 133 -4.81 0.85 -7.95
C VAL A 133 -3.55 0.63 -8.79
N LEU A 134 -2.48 0.14 -8.15
CA LEU A 134 -1.23 -0.10 -8.85
C LEU A 134 -1.27 -1.44 -9.58
N GLY A 135 -1.98 -2.42 -9.01
CA GLY A 135 -2.12 -3.71 -9.64
C GLY A 135 -2.86 -4.69 -8.73
N MET A 136 -3.29 -5.82 -9.30
CA MET A 136 -3.86 -6.88 -8.48
C MET A 136 -3.53 -8.23 -9.08
N ARG A 137 -3.56 -9.23 -8.19
CA ARG A 137 -3.36 -10.63 -8.54
C ARG A 137 -4.48 -11.42 -7.85
N VAL A 138 -5.40 -11.95 -8.65
CA VAL A 138 -6.62 -12.54 -8.11
C VAL A 138 -6.67 -14.01 -8.47
N TYR A 139 -6.73 -14.86 -7.45
CA TYR A 139 -6.89 -16.30 -7.64
C TYR A 139 -8.35 -16.61 -7.94
N HIS A 140 -8.59 -17.40 -9.00
CA HIS A 140 -9.93 -17.85 -9.36
C HIS A 140 -10.02 -19.34 -9.08
N VAL A 141 -11.05 -19.74 -8.32
CA VAL A 141 -11.17 -21.11 -7.85
C VAL A 141 -11.40 -22.04 -9.03
N HIS A 142 -12.34 -21.68 -9.91
CA HIS A 142 -12.90 -22.61 -10.87
C HIS A 142 -11.99 -22.84 -12.08
N SER A 143 -10.93 -22.01 -12.22
CA SER A 143 -9.91 -22.24 -13.24
C SER A 143 -8.57 -22.64 -12.62
N ASP A 144 -8.44 -22.50 -11.29
CA ASP A 144 -7.20 -22.78 -10.58
C ASP A 144 -6.07 -21.97 -11.21
N SER A 145 -6.26 -20.65 -11.27
CA SER A 145 -5.34 -19.79 -11.98
C SER A 145 -5.46 -18.36 -11.47
N TYR A 146 -4.54 -17.51 -11.93
CA TYR A 146 -4.44 -16.12 -11.50
C TYR A 146 -4.62 -15.19 -12.68
N GLU A 147 -5.62 -14.33 -12.61
CA GLU A 147 -5.62 -13.12 -13.41
C GLU A 147 -4.78 -12.08 -12.67
N THR A 148 -4.23 -11.14 -13.45
CA THR A 148 -3.45 -10.04 -12.93
C THR A 148 -3.83 -8.78 -13.69
N GLU A 149 -3.77 -7.63 -13.00
CA GLU A 149 -3.88 -6.33 -13.64
C GLU A 149 -2.59 -5.56 -13.37
N ASN A 150 -2.09 -4.87 -14.40
CA ASN A 150 -0.88 -4.08 -14.30
C ASN A 150 -1.26 -2.63 -14.00
N GLN A 151 -0.28 -1.72 -14.03
CA GLN A 151 -0.50 -0.35 -13.60
C GLN A 151 -1.43 0.38 -14.56
N HIS A 152 -1.56 -0.11 -15.80
CA HIS A 152 -2.43 0.54 -16.78
C HIS A 152 -3.90 0.37 -16.42
N TYR A 153 -4.23 -0.68 -15.67
CA TYR A 153 -5.61 -0.95 -15.28
C TYR A 153 -6.12 0.17 -14.36
N GLY A 154 -5.41 0.39 -13.25
CA GLY A 154 -5.80 1.40 -12.28
C GLY A 154 -5.75 2.81 -12.86
N ARG A 155 -4.76 3.07 -13.72
CA ARG A 155 -4.61 4.37 -14.35
C ARG A 155 -5.72 4.65 -15.35
N SER A 156 -6.48 3.62 -15.74
N SER A 156 -6.46 3.62 -15.76
CA SER A 156 -7.60 3.77 -16.66
CA SER A 156 -7.58 3.78 -16.67
C SER A 156 -8.90 4.07 -15.92
C SER A 156 -8.88 4.07 -15.93
N LEU A 157 -8.91 3.87 -14.59
CA LEU A 157 -10.15 3.98 -13.83
C LEU A 157 -10.51 5.45 -13.59
N THR A 158 -11.81 5.74 -13.74
CA THR A 158 -12.35 7.07 -13.51
C THR A 158 -13.30 7.01 -12.31
N LYS A 159 -13.91 8.17 -12.02
CA LYS A 159 -14.91 8.28 -10.98
C LYS A 159 -16.09 7.35 -11.26
N GLU A 160 -16.40 7.18 -12.55
CA GLU A 160 -17.53 6.39 -13.00
C GLU A 160 -17.25 4.89 -12.86
N THR A 161 -15.97 4.48 -12.89
CA THR A 161 -15.62 3.08 -12.95
C THR A 161 -14.79 2.61 -11.76
N ILE A 162 -14.52 3.49 -10.78
CA ILE A 162 -13.62 3.13 -9.69
C ILE A 162 -14.23 2.02 -8.82
N LYS A 163 -15.55 2.06 -8.59
CA LYS A 163 -16.17 1.09 -7.70
C LYS A 163 -16.05 -0.32 -8.30
N ASP A 164 -16.43 -0.47 -9.57
CA ASP A 164 -16.29 -1.73 -10.27
C ASP A 164 -14.83 -2.11 -10.42
N GLY A 165 -13.95 -1.12 -10.60
CA GLY A 165 -12.53 -1.34 -10.71
C GLY A 165 -11.96 -1.99 -9.46
N VAL A 166 -12.41 -1.53 -8.29
CA VAL A 166 -11.95 -2.06 -7.02
C VAL A 166 -12.62 -3.41 -6.75
N SER A 167 -13.91 -3.54 -7.07
N SER A 167 -13.91 -3.52 -7.07
CA SER A 167 -14.65 -4.76 -6.77
CA SER A 167 -14.70 -4.73 -6.85
C SER A 167 -14.09 -5.97 -7.52
C SER A 167 -14.03 -5.95 -7.48
N ARG A 168 -13.39 -5.74 -8.64
CA ARG A 168 -12.74 -6.79 -9.39
C ARG A 168 -11.80 -7.62 -8.51
N PHE A 169 -11.11 -6.95 -7.58
CA PHE A 169 -10.19 -7.63 -6.68
C PHE A 169 -10.88 -8.71 -5.85
N PHE A 170 -12.16 -8.51 -5.54
CA PHE A 170 -12.88 -9.34 -4.57
C PHE A 170 -13.77 -10.37 -5.28
N HIS A 171 -13.56 -10.55 -6.58
CA HIS A 171 -14.34 -11.54 -7.30
C HIS A 171 -13.49 -12.79 -7.48
N ASN A 172 -13.85 -13.84 -6.77
CA ASN A 172 -13.23 -15.12 -7.00
C ASN A 172 -13.90 -15.76 -8.21
N GLY A 173 -13.62 -17.04 -8.47
CA GLY A 173 -14.31 -17.76 -9.52
C GLY A 173 -15.84 -17.89 -9.35
N TYR A 174 -16.46 -17.31 -8.29
CA TYR A 174 -17.81 -17.69 -7.89
C TYR A 174 -18.68 -16.57 -7.30
N CYS A 175 -18.16 -15.87 -6.28
CA CYS A 175 -18.94 -14.90 -5.56
C CYS A 175 -18.13 -13.63 -5.37
N LEU A 176 -18.79 -12.59 -4.87
CA LEU A 176 -18.10 -11.41 -4.42
C LEU A 176 -17.75 -11.62 -2.96
N ARG A 177 -16.46 -11.52 -2.62
CA ARG A 177 -15.97 -11.77 -1.27
C ARG A 177 -16.25 -10.56 -0.38
N LYS A 178 -17.53 -10.38 -0.01
CA LYS A 178 -17.90 -9.28 0.87
C LYS A 178 -17.26 -9.46 2.25
N ASP A 179 -16.93 -10.69 2.65
CA ASP A 179 -16.22 -10.90 3.90
C ASP A 179 -14.87 -10.18 3.89
N ALA A 180 -14.13 -10.30 2.79
CA ALA A 180 -12.81 -9.67 2.68
C ALA A 180 -12.97 -8.16 2.53
N VAL A 181 -14.07 -7.72 1.91
CA VAL A 181 -14.34 -6.30 1.76
C VAL A 181 -14.55 -5.66 3.14
N ALA A 182 -15.37 -6.30 3.97
CA ALA A 182 -15.69 -5.76 5.28
C ALA A 182 -14.45 -5.77 6.18
N ALA A 183 -13.67 -6.86 6.14
CA ALA A 183 -12.44 -6.94 6.91
C ALA A 183 -11.47 -5.83 6.50
N SER A 184 -11.43 -5.53 5.19
CA SER A 184 -10.54 -4.50 4.66
C SER A 184 -10.93 -3.13 5.23
N ILE A 185 -12.24 -2.83 5.27
CA ILE A 185 -12.71 -1.58 5.84
C ILE A 185 -12.26 -1.48 7.29
N GLN A 186 -12.39 -2.56 8.06
CA GLN A 186 -12.11 -2.55 9.48
C GLN A 186 -10.62 -2.31 9.74
N LYS A 187 -9.75 -2.86 8.88
CA LYS A 187 -8.32 -2.70 9.05
C LYS A 187 -7.85 -1.34 8.54
N ILE A 188 -8.44 -0.83 7.46
CA ILE A 188 -8.14 0.51 6.98
C ILE A 188 -8.55 1.53 8.05
N GLU A 189 -9.67 1.30 8.73
CA GLU A 189 -10.15 2.21 9.76
C GLU A 189 -9.11 2.38 10.87
N LYS A 190 -8.40 1.30 11.23
CA LYS A 190 -7.36 1.39 12.25
C LYS A 190 -6.20 2.25 11.74
N ILE A 191 -5.82 2.08 10.48
CA ILE A 191 -4.77 2.88 9.89
C ILE A 191 -5.20 4.35 9.81
N LEU A 192 -6.46 4.59 9.44
CA LEU A 192 -7.01 5.93 9.40
C LEU A 192 -6.97 6.55 10.80
N GLN A 193 -7.28 5.74 11.82
CA GLN A 193 -7.24 6.21 13.20
C GLN A 193 -5.82 6.66 13.57
N TRP A 194 -4.80 5.91 13.14
CA TRP A 194 -3.42 6.32 13.37
C TRP A 194 -3.14 7.68 12.74
N PHE A 195 -3.58 7.85 11.48
CA PHE A 195 -3.31 9.08 10.74
C PHE A 195 -4.03 10.27 11.38
N GLU A 196 -5.19 10.04 11.98
CA GLU A 196 -5.94 11.12 12.60
C GLU A 196 -5.40 11.45 13.98
N ASN A 197 -4.34 10.74 14.42
CA ASN A 197 -3.76 10.91 15.73
C ASN A 197 -2.25 11.21 15.64
N GLN A 198 -1.80 11.71 14.49
CA GLN A 198 -0.39 12.03 14.30
C GLN A 198 -0.26 13.21 13.35
N LYS A 199 0.71 14.09 13.63
CA LYS A 199 1.01 15.23 12.79
C LYS A 199 2.52 15.43 12.69
N GLN A 200 3.24 14.33 12.44
CA GLN A 200 4.69 14.40 12.37
C GLN A 200 5.21 13.75 11.09
N LEU A 201 4.35 13.07 10.31
CA LEU A 201 4.78 12.45 9.06
C LEU A 201 3.71 12.67 7.99
N ASN A 202 4.16 13.01 6.78
CA ASN A 202 3.32 13.05 5.60
C ASN A 202 3.88 12.06 4.57
N PHE A 203 2.98 11.27 3.97
CA PHE A 203 3.34 10.15 3.13
C PHE A 203 2.90 10.40 1.70
N TYR A 204 3.87 10.42 0.77
CA TYR A 204 3.58 10.63 -0.64
C TYR A 204 4.01 9.40 -1.44
N ALA A 205 3.20 9.03 -2.43
CA ALA A 205 3.45 7.89 -3.28
C ALA A 205 3.66 6.59 -2.48
N SER A 206 3.06 6.50 -1.30
N SER A 206 3.02 6.50 -1.31
CA SER A 206 3.09 5.26 -0.53
CA SER A 206 3.05 5.30 -0.50
C SER A 206 1.80 4.49 -0.78
C SER A 206 1.77 4.49 -0.76
N SER A 207 1.80 3.20 -0.39
CA SER A 207 0.75 2.27 -0.77
C SER A 207 0.18 1.51 0.42
N LEU A 208 -1.02 0.96 0.20
CA LEU A 208 -1.58 -0.10 1.04
C LEU A 208 -1.53 -1.40 0.25
N LEU A 209 -1.05 -2.47 0.89
CA LEU A 209 -1.03 -3.79 0.31
C LEU A 209 -2.15 -4.61 0.92
N PHE A 210 -3.11 -5.01 0.08
CA PHE A 210 -4.23 -5.83 0.49
C PHE A 210 -3.93 -7.29 0.15
N VAL A 211 -4.17 -8.17 1.13
CA VAL A 211 -4.07 -9.60 0.89
C VAL A 211 -5.28 -10.28 1.52
N TYR A 212 -5.89 -11.23 0.80
CA TYR A 212 -6.89 -12.12 1.38
C TYR A 212 -6.70 -13.51 0.79
N GLU A 213 -7.34 -14.49 1.43
CA GLU A 213 -7.17 -15.89 1.08
C GLU A 213 -8.10 -16.25 -0.08
N GLY A 214 -7.51 -16.71 -1.19
CA GLY A 214 -8.25 -17.06 -2.39
C GLY A 214 -8.72 -18.52 -2.41
N SER A 215 -8.03 -19.39 -1.66
CA SER A 215 -8.38 -20.80 -1.65
C SER A 215 -9.71 -21.01 -0.91
N SER A 220 -10.67 -19.31 5.85
CA SER A 220 -10.56 -18.28 4.79
C SER A 220 -11.38 -17.02 5.10
N GLY A 221 -12.57 -17.21 5.67
CA GLY A 221 -13.55 -16.16 5.83
C GLY A 221 -13.07 -14.99 6.68
N GLY A 222 -13.10 -13.79 6.10
CA GLY A 222 -12.84 -12.55 6.81
C GLY A 222 -11.38 -12.35 7.21
N GLU A 223 -10.47 -13.16 6.64
CA GLU A 223 -9.05 -13.07 6.96
C GLU A 223 -8.33 -12.23 5.92
N VAL A 224 -7.80 -11.08 6.35
CA VAL A 224 -7.23 -10.09 5.46
C VAL A 224 -5.99 -9.48 6.10
N GLU A 225 -5.02 -9.10 5.24
CA GLU A 225 -3.95 -8.21 5.62
C GLU A 225 -4.11 -6.88 4.88
N VAL A 226 -3.88 -5.78 5.60
CA VAL A 226 -3.74 -4.47 4.99
C VAL A 226 -2.53 -3.80 5.65
N ARG A 227 -1.44 -3.64 4.89
CA ARG A 227 -0.22 -3.08 5.42
C ARG A 227 0.22 -1.88 4.58
N MET A 228 0.78 -0.88 5.26
CA MET A 228 1.39 0.26 4.60
C MET A 228 2.77 -0.15 4.07
N ILE A 229 3.07 0.22 2.82
CA ILE A 229 4.36 -0.08 2.20
C ILE A 229 4.83 1.11 1.36
N ASP A 230 6.13 1.07 0.99
CA ASP A 230 6.74 1.94 -0.01
C ASP A 230 6.92 3.36 0.53
N PHE A 231 8.07 3.62 1.18
CA PHE A 231 8.25 4.83 1.98
C PHE A 231 9.41 5.68 1.48
N ALA A 232 9.55 5.82 0.16
CA ALA A 232 10.62 6.61 -0.42
C ALA A 232 10.29 8.10 -0.37
N HIS A 233 9.03 8.47 -0.07
CA HIS A 233 8.62 9.86 -0.06
C HIS A 233 7.84 10.19 1.21
N VAL A 234 8.42 9.85 2.37
CA VAL A 234 7.83 10.18 3.65
C VAL A 234 8.64 11.31 4.28
N PHE A 235 7.94 12.36 4.73
CA PHE A 235 8.61 13.57 5.16
C PHE A 235 8.11 14.02 6.53
N PRO A 236 8.96 14.69 7.34
CA PRO A 236 8.50 15.33 8.57
C PRO A 236 7.48 16.43 8.26
N SER A 237 6.54 16.62 9.17
CA SER A 237 5.46 17.56 8.98
C SER A 237 5.00 18.13 10.32
N ASN A 238 4.18 19.19 10.23
CA ASN A 238 3.55 19.80 11.39
C ASN A 238 2.03 19.64 11.33
N THR A 239 1.53 18.92 10.31
CA THR A 239 0.11 18.85 10.04
C THR A 239 -0.35 17.41 9.87
N ILE A 240 -1.66 17.22 10.02
CA ILE A 240 -2.34 16.03 9.54
C ILE A 240 -1.98 15.83 8.07
N ASP A 241 -1.79 14.55 7.70
CA ASP A 241 -1.61 14.17 6.30
C ASP A 241 -3.01 14.12 5.66
N GLU A 242 -3.47 15.29 5.21
CA GLU A 242 -4.86 15.43 4.78
C GLU A 242 -5.12 14.63 3.50
N GLY A 243 -4.14 14.61 2.59
CA GLY A 243 -4.28 13.87 1.34
C GLY A 243 -4.43 12.37 1.58
N TYR A 244 -3.65 11.84 2.52
CA TYR A 244 -3.70 10.42 2.85
C TYR A 244 -5.04 10.11 3.52
N VAL A 245 -5.47 10.97 4.44
CA VAL A 245 -6.74 10.79 5.14
C VAL A 245 -7.88 10.76 4.12
N TYR A 246 -7.88 11.71 3.17
CA TYR A 246 -8.90 11.77 2.14
C TYR A 246 -8.93 10.47 1.34
N GLY A 247 -7.76 10.01 0.91
CA GLY A 247 -7.66 8.78 0.13
C GLY A 247 -8.20 7.57 0.90
N LEU A 248 -7.87 7.47 2.18
CA LEU A 248 -8.34 6.38 3.03
C LEU A 248 -9.86 6.43 3.13
N LYS A 249 -10.40 7.64 3.33
CA LYS A 249 -11.84 7.79 3.55
C LYS A 249 -12.61 7.48 2.27
N HIS A 250 -12.10 7.92 1.11
CA HIS A 250 -12.75 7.60 -0.15
C HIS A 250 -12.68 6.11 -0.43
N LEU A 251 -11.52 5.49 -0.14
CA LEU A 251 -11.36 4.05 -0.32
C LEU A 251 -12.35 3.30 0.56
N ILE A 252 -12.50 3.73 1.82
CA ILE A 252 -13.46 3.13 2.74
C ILE A 252 -14.88 3.27 2.19
N SER A 253 -15.20 4.44 1.63
N SER A 253 -15.20 4.44 1.63
CA SER A 253 -16.53 4.70 1.10
CA SER A 253 -16.53 4.70 1.10
C SER A 253 -16.83 3.80 -0.10
C SER A 253 -16.83 3.80 -0.09
N VAL A 254 -15.82 3.60 -0.95
CA VAL A 254 -15.98 2.74 -2.12
C VAL A 254 -16.20 1.30 -1.67
N LEU A 255 -15.36 0.80 -0.76
CA LEU A 255 -15.49 -0.55 -0.24
C LEU A 255 -16.86 -0.74 0.41
N ARG A 256 -17.32 0.27 1.16
CA ARG A 256 -18.61 0.19 1.84
C ARG A 256 -19.75 0.01 0.84
N SER A 257 -19.69 0.73 -0.30
CA SER A 257 -20.71 0.64 -1.33
C SER A 257 -20.71 -0.75 -1.97
N ILE A 258 -19.53 -1.39 -2.04
CA ILE A 258 -19.43 -2.73 -2.61
C ILE A 258 -20.19 -3.73 -1.75
N LEU A 259 -20.27 -3.48 -0.44
CA LEU A 259 -21.02 -4.34 0.46
C LEU A 259 -22.52 -4.33 0.14
N ASP A 260 -22.98 -3.38 -0.69
CA ASP A 260 -24.39 -3.28 -1.06
C ASP A 260 -24.68 -3.99 -2.39
N ASN A 261 -23.66 -4.57 -3.05
CA ASN A 261 -23.83 -5.16 -4.36
C ASN A 261 -24.83 -6.33 -4.34
C1 YHS B . 6.81 -4.84 1.32
C2 YHS B . 6.60 -4.71 -0.04
C3 YHS B . 5.98 -5.77 -0.72
C4 YHS B . 5.58 -6.87 -0.06
C5 YHS B . 4.96 -8.01 -0.44
C6 YHS B . 4.53 -8.42 -1.64
C7 YHS B . 4.48 -9.80 -1.87
N1 YHS B . 6.88 -3.40 -2.00
C13 YHS B . 3.98 -11.69 -3.29
C14 YHS B . 5.77 -6.97 1.26
C15 YHS B . 7.01 -3.61 -0.69
C8 YHS B . 4.02 -10.31 -3.08
C9 YHS B . 3.58 -9.45 -4.08
C10 YHS B . 3.62 -8.07 -3.86
C12 YHS B . 3.18 -7.21 -4.86
C11 YHS B . 4.08 -7.56 -2.64
O YHS B . 4.79 -8.79 0.64
N YHS B . 5.30 -8.14 1.69
C YHS B . 6.37 -6.00 1.96
N2 YHS B . 7.40 -2.21 -2.27
N3 YHS B . 7.85 -1.68 -1.11
N4 YHS B . 7.62 -2.56 -0.14
#